data_6B39
#
_entry.id   6B39
#
_cell.length_a   152.871
_cell.length_b   152.871
_cell.length_c   95.169
_cell.angle_alpha   90.000
_cell.angle_beta   90.000
_cell.angle_gamma   90.000
#
_symmetry.space_group_name_H-M   'P 42 2 2'
#
loop_
_entity.id
_entity.type
_entity.pdbx_description
1 polymer 'AprA Methyltransferase 1'
2 non-polymer 'SULFATE ION'
3 non-polymer S-ADENOSYL-L-HOMOCYSTEINE
4 water water
#
_entity_poly.entity_id   1
_entity_poly.type   'polypeptide(L)'
_entity_poly.pdbx_seq_one_letter_code
;MHHHHHHSSGVDLGTENLYFQSNALDKINRYAHGFVAVPVICACSEAGVFELLSQKKSLKLEEIVEHLAANSGHLMVAMR
LLESLSFLYRSQAEEYILTEQSQQHQIIPKALMSLYKYPFELYLKGEVETGISNWINCSSRRWDTENSLLSDLLDGVLLI
PLLLELKKQNLLDESKKIFNTLTNSLKQELSTLFINLGWAEEKTEGLYLTDIGRFMRDRSLNLGTTASYAPMLLQMKELL
FGNPQRVFQRNKTEKERHVNRTLNVVASGFQHEKFFADTDKIIISIFNQQPIEEQPIYIVDMGCGDGTLLKRIYKIIKQF
SARGKVLTEYPIIMVGVDYNQEALDVTDKNLVDIPHLVIPGDIGAPEKLLEQLKAQGIEPEKVLHIRSFLDHDRPFIAPK
NTEIAQARSQLDYQVVDVDREGKLIPPHIAVQSLVEHLERWSSIITRHGLLLLEVHSLTPAVVKKYIDESESLHFDAYHA
FSMQHLVEADVFLMAAAEVGLFSRKEAFRKYPKTLPLTRITVNHFEKRKYQIRYATVNDIPNLLKCATFNPPVNEPFFQV
LLKQTPTAHLLLEYQGELVAAIFTETKNSNEVLGIREFLVRTSVENWQVLAKDLLEFVEQWGVVKPGIKEIEGLLKYHEA
ISNFQKSKWYQS
;
_entity_poly.pdbx_strand_id   A
#
# COMPACT_ATOMS: atom_id res chain seq x y z
N GLU A 16 5.19 22.37 1.12
CA GLU A 16 4.28 22.77 0.02
C GLU A 16 2.92 23.23 0.54
N ASN A 17 2.56 24.50 0.28
CA ASN A 17 1.56 25.21 1.08
C ASN A 17 0.14 24.78 0.74
N LEU A 18 -0.83 25.44 1.38
CA LEU A 18 -2.23 25.02 1.33
C LEU A 18 -2.88 25.35 -0.01
N TYR A 19 -2.57 26.52 -0.56
CA TYR A 19 -3.16 26.92 -1.85
C TYR A 19 -2.71 25.99 -2.97
N PHE A 20 -1.45 25.59 -2.96
CA PHE A 20 -1.01 24.64 -3.98
C PHE A 20 -1.47 23.22 -3.68
N GLN A 21 -1.75 22.91 -2.41
CA GLN A 21 -2.27 21.60 -2.07
C GLN A 21 -3.62 21.37 -2.73
N SER A 22 -4.57 22.28 -2.52
CA SER A 22 -5.92 22.04 -2.99
C SER A 22 -6.13 22.43 -4.44
N ASN A 23 -5.33 23.35 -4.99
CA ASN A 23 -5.50 23.77 -6.37
C ASN A 23 -4.55 23.08 -7.34
N ALA A 24 -3.59 22.31 -6.85
CA ALA A 24 -2.67 21.62 -7.76
C ALA A 24 -2.51 20.14 -7.39
N LEU A 25 -1.97 19.86 -6.20
CA LEU A 25 -1.70 18.48 -5.82
C LEU A 25 -2.98 17.66 -5.79
N ASP A 26 -3.99 18.14 -5.06
CA ASP A 26 -5.25 17.42 -5.00
C ASP A 26 -5.88 17.26 -6.39
N LYS A 27 -5.71 18.25 -7.26
CA LYS A 27 -6.27 18.14 -8.60
C LYS A 27 -5.65 16.96 -9.35
N ILE A 28 -4.31 16.86 -9.30
CA ILE A 28 -3.60 15.79 -10.02
C ILE A 28 -4.00 14.43 -9.47
N ASN A 29 -4.14 14.35 -8.14
CA ASN A 29 -4.55 13.11 -7.49
C ASN A 29 -5.97 12.73 -7.91
N ARG A 30 -6.86 13.71 -8.04
CA ARG A 30 -8.19 13.41 -8.55
C ARG A 30 -8.13 12.96 -10.01
N TYR A 31 -7.22 13.53 -10.81
CA TYR A 31 -7.09 13.11 -12.20
C TYR A 31 -6.63 11.66 -12.31
N ALA A 32 -5.69 11.25 -11.45
CA ALA A 32 -5.27 9.85 -11.44
C ALA A 32 -6.40 8.94 -10.95
N HIS A 33 -7.20 9.41 -9.99
CA HIS A 33 -8.42 8.71 -9.60
C HIS A 33 -9.31 8.47 -10.80
N GLY A 34 -9.66 9.54 -11.53
CA GLY A 34 -10.56 9.40 -12.65
C GLY A 34 -9.99 8.50 -13.72
N PHE A 35 -8.67 8.55 -13.89
CA PHE A 35 -8.04 7.77 -14.96
C PHE A 35 -8.33 6.29 -14.80
N VAL A 36 -8.32 5.78 -13.57
CA VAL A 36 -8.71 4.40 -13.30
C VAL A 36 -10.22 4.27 -13.12
N ALA A 37 -10.84 5.18 -12.37
CA ALA A 37 -12.23 5.00 -11.95
C ALA A 37 -13.21 5.11 -13.11
N VAL A 38 -12.94 5.98 -14.09
CA VAL A 38 -13.89 6.16 -15.19
C VAL A 38 -13.97 4.90 -16.04
N PRO A 39 -12.87 4.22 -16.41
CA PRO A 39 -13.02 2.94 -17.12
C PRO A 39 -13.76 1.87 -16.33
N VAL A 40 -13.56 1.80 -15.02
CA VAL A 40 -14.27 0.81 -14.19
C VAL A 40 -15.77 1.11 -14.19
N ILE A 41 -16.14 2.38 -13.98
CA ILE A 41 -17.54 2.76 -13.92
C ILE A 41 -18.24 2.46 -15.24
N CYS A 42 -17.60 2.84 -16.36
CA CYS A 42 -18.18 2.61 -17.68
C CYS A 42 -18.37 1.13 -17.97
N ALA A 43 -17.38 0.30 -17.64
CA ALA A 43 -17.51 -1.13 -17.90
C ALA A 43 -18.60 -1.75 -17.05
N CYS A 44 -18.72 -1.33 -15.79
CA CYS A 44 -19.82 -1.83 -14.94
C CYS A 44 -21.16 -1.28 -15.42
N SER A 45 -21.19 0.04 -15.70
CA SER A 45 -22.38 0.65 -16.29
C SER A 45 -22.83 -0.10 -17.55
N GLU A 46 -21.92 -0.31 -18.50
CA GLU A 46 -22.34 -0.98 -19.74
C GLU A 46 -22.76 -2.44 -19.49
N ALA A 47 -22.14 -3.12 -18.53
CA ALA A 47 -22.48 -4.50 -18.30
C ALA A 47 -23.79 -4.69 -17.54
N GLY A 48 -24.36 -3.64 -16.96
CA GLY A 48 -25.60 -3.73 -16.24
C GLY A 48 -25.48 -3.93 -14.75
N VAL A 49 -24.33 -3.56 -14.15
CA VAL A 49 -24.16 -3.73 -12.70
C VAL A 49 -25.18 -2.88 -11.93
N PHE A 50 -25.31 -1.60 -12.29
CA PHE A 50 -26.27 -0.75 -11.60
C PHE A 50 -27.70 -1.07 -11.98
N GLU A 51 -27.91 -1.59 -13.19
CA GLU A 51 -29.24 -2.08 -13.53
C GLU A 51 -29.57 -3.31 -12.69
N LEU A 52 -28.62 -4.22 -12.54
CA LEU A 52 -28.86 -5.42 -11.74
C LEU A 52 -29.16 -5.06 -10.29
N LEU A 53 -28.34 -4.20 -9.68
CA LEU A 53 -28.58 -3.81 -8.29
C LEU A 53 -29.87 -3.01 -8.16
N SER A 54 -30.30 -2.36 -9.22
CA SER A 54 -31.58 -1.69 -9.15
C SER A 54 -32.75 -2.65 -9.22
N GLN A 55 -32.55 -3.86 -9.71
CA GLN A 55 -33.64 -4.83 -9.76
C GLN A 55 -33.67 -5.74 -8.53
N LYS A 56 -32.51 -6.05 -7.95
CA LYS A 56 -32.42 -7.06 -6.91
C LYS A 56 -32.28 -6.47 -5.50
N LYS A 57 -32.26 -5.14 -5.39
CA LYS A 57 -32.12 -4.41 -4.13
C LYS A 57 -30.73 -4.60 -3.52
N SER A 58 -30.29 -5.83 -3.29
CA SER A 58 -28.91 -6.00 -2.83
C SER A 58 -28.38 -7.40 -3.19
N LEU A 59 -27.09 -7.47 -3.51
CA LEU A 59 -26.46 -8.71 -3.93
C LEU A 59 -25.06 -8.83 -3.36
N LYS A 60 -24.68 -10.05 -3.02
CA LYS A 60 -23.30 -10.39 -2.70
C LYS A 60 -22.48 -10.54 -3.98
N LEU A 61 -21.16 -10.37 -3.85
CA LEU A 61 -20.26 -10.43 -5.00
C LEU A 61 -20.53 -11.64 -5.88
N GLU A 62 -20.64 -12.83 -5.27
CA GLU A 62 -20.78 -14.05 -6.05
C GLU A 62 -22.09 -14.08 -6.81
N GLU A 63 -23.10 -13.35 -6.32
CA GLU A 63 -24.37 -13.25 -7.04
C GLU A 63 -24.25 -12.38 -8.28
N ILE A 64 -23.63 -11.20 -8.14
CA ILE A 64 -23.36 -10.36 -9.31
C ILE A 64 -22.50 -11.10 -10.30
N VAL A 65 -21.52 -11.87 -9.82
CA VAL A 65 -20.68 -12.66 -10.71
C VAL A 65 -21.52 -13.62 -11.55
N GLU A 66 -22.39 -14.40 -10.89
CA GLU A 66 -23.25 -15.35 -11.60
C GLU A 66 -24.13 -14.66 -12.64
N HIS A 67 -24.83 -13.59 -12.24
CA HIS A 67 -25.74 -12.91 -13.16
C HIS A 67 -25.02 -12.37 -14.39
N LEU A 68 -23.75 -11.96 -14.25
CA LEU A 68 -23.06 -11.27 -15.32
C LEU A 68 -21.90 -12.08 -15.91
N ALA A 69 -21.71 -13.32 -15.47
CA ALA A 69 -20.61 -14.18 -15.92
C ALA A 69 -19.26 -13.48 -15.78
N ALA A 70 -19.06 -12.83 -14.63
CA ALA A 70 -17.92 -11.96 -14.40
C ALA A 70 -16.74 -12.74 -13.83
N ASN A 71 -15.58 -12.08 -13.86
CA ASN A 71 -14.38 -12.56 -13.19
C ASN A 71 -14.34 -12.02 -11.76
N SER A 72 -14.46 -12.92 -10.78
CA SER A 72 -14.77 -12.49 -9.42
C SER A 72 -13.66 -11.63 -8.83
N GLY A 73 -12.40 -11.99 -9.11
CA GLY A 73 -11.27 -11.20 -8.67
C GLY A 73 -11.30 -9.77 -9.18
N HIS A 74 -11.27 -9.60 -10.50
CA HIS A 74 -11.26 -8.25 -11.03
C HIS A 74 -12.56 -7.52 -10.69
N LEU A 75 -13.70 -8.22 -10.70
CA LEU A 75 -14.93 -7.54 -10.32
C LEU A 75 -14.86 -7.06 -8.89
N MET A 76 -14.16 -7.80 -8.02
CA MET A 76 -14.05 -7.38 -6.62
C MET A 76 -13.24 -6.10 -6.49
N VAL A 77 -12.09 -6.03 -7.19
CA VAL A 77 -11.35 -4.77 -7.34
C VAL A 77 -12.30 -3.65 -7.73
N ALA A 78 -13.10 -3.86 -8.77
CA ALA A 78 -14.04 -2.84 -9.22
C ALA A 78 -15.04 -2.49 -8.13
N MET A 79 -15.57 -3.50 -7.41
CA MET A 79 -16.55 -3.23 -6.35
C MET A 79 -15.92 -2.36 -5.26
N ARG A 80 -14.68 -2.67 -4.88
CA ARG A 80 -14.00 -1.89 -3.83
C ARG A 80 -13.76 -0.44 -4.29
N LEU A 81 -13.48 -0.24 -5.58
CA LEU A 81 -13.36 1.12 -6.11
C LEU A 81 -14.70 1.85 -6.07
N LEU A 82 -15.78 1.20 -6.51
CA LEU A 82 -17.08 1.84 -6.52
C LEU A 82 -17.56 2.15 -5.11
N GLU A 83 -17.30 1.23 -4.16
CA GLU A 83 -17.66 1.52 -2.77
C GLU A 83 -16.88 2.73 -2.24
N SER A 84 -15.58 2.83 -2.58
CA SER A 84 -14.75 3.92 -2.08
C SER A 84 -15.21 5.28 -2.60
N LEU A 85 -15.74 5.32 -3.83
CA LEU A 85 -16.26 6.54 -4.42
C LEU A 85 -17.72 6.80 -4.05
N SER A 86 -18.31 5.97 -3.20
CA SER A 86 -19.71 6.05 -2.75
C SER A 86 -20.71 5.76 -3.87
N PHE A 87 -20.29 5.05 -4.93
CA PHE A 87 -21.22 4.60 -5.97
C PHE A 87 -21.95 3.35 -5.55
N LEU A 88 -21.44 2.64 -4.55
CA LEU A 88 -22.12 1.50 -3.96
C LEU A 88 -21.98 1.55 -2.45
N TYR A 89 -23.01 1.06 -1.77
CA TYR A 89 -22.98 0.80 -0.35
C TYR A 89 -22.78 -0.69 -0.16
N ARG A 90 -21.98 -1.09 0.84
CA ARG A 90 -21.80 -2.50 1.15
C ARG A 90 -22.27 -2.76 2.57
N SER A 91 -23.24 -3.66 2.73
CA SER A 91 -23.79 -3.95 4.05
C SER A 91 -22.84 -4.85 4.84
N GLN A 92 -23.17 -5.05 6.12
CA GLN A 92 -22.37 -5.93 6.97
C GLN A 92 -22.44 -7.37 6.50
N ALA A 93 -23.61 -7.81 6.03
CA ALA A 93 -23.71 -9.13 5.43
C ALA A 93 -23.05 -9.18 4.06
N GLU A 94 -22.45 -8.07 3.64
CA GLU A 94 -21.54 -7.95 2.49
C GLU A 94 -22.27 -7.89 1.17
N GLU A 95 -23.54 -7.49 1.19
CA GLU A 95 -24.29 -7.26 -0.05
C GLU A 95 -24.06 -5.84 -0.54
N TYR A 96 -23.91 -5.69 -1.84
CA TYR A 96 -23.76 -4.37 -2.45
C TYR A 96 -25.13 -3.78 -2.72
N ILE A 97 -25.27 -2.49 -2.43
CA ILE A 97 -26.54 -1.78 -2.52
C ILE A 97 -26.30 -0.47 -3.26
N LEU A 98 -27.25 -0.11 -4.12
CA LEU A 98 -27.16 1.17 -4.80
C LEU A 98 -27.21 2.31 -3.79
N THR A 99 -26.72 3.45 -4.24
CA THR A 99 -26.61 4.67 -3.45
C THR A 99 -27.16 5.83 -4.28
N GLU A 100 -27.29 6.99 -3.65
CA GLU A 100 -27.76 8.15 -4.40
C GLU A 100 -26.75 8.64 -5.41
N GLN A 101 -25.49 8.27 -5.29
CA GLN A 101 -24.52 8.70 -6.28
C GLN A 101 -24.35 7.70 -7.42
N SER A 102 -24.95 6.51 -7.32
CA SER A 102 -24.85 5.52 -8.39
C SER A 102 -25.22 6.13 -9.73
N GLN A 103 -26.32 6.90 -9.74
CA GLN A 103 -26.87 7.46 -10.97
C GLN A 103 -25.91 8.41 -11.67
N GLN A 104 -24.83 8.85 -11.00
CA GLN A 104 -23.82 9.65 -11.67
C GLN A 104 -23.13 8.90 -12.82
N HIS A 105 -23.23 7.56 -12.85
CA HIS A 105 -22.66 6.84 -13.98
C HIS A 105 -23.31 7.24 -15.30
N GLN A 106 -24.53 7.76 -15.25
CA GLN A 106 -25.21 8.22 -16.45
C GLN A 106 -24.65 9.55 -16.97
N ILE A 107 -23.95 10.31 -16.13
CA ILE A 107 -23.31 11.56 -16.54
C ILE A 107 -22.06 11.33 -17.39
N ILE A 108 -21.46 10.16 -17.31
CA ILE A 108 -20.19 9.90 -17.99
C ILE A 108 -20.46 9.60 -19.46
N PRO A 109 -20.02 10.45 -20.39
CA PRO A 109 -20.26 10.17 -21.80
C PRO A 109 -19.55 8.87 -22.21
N LYS A 110 -20.31 7.98 -22.86
CA LYS A 110 -19.80 6.67 -23.26
C LYS A 110 -18.53 6.79 -24.12
N ALA A 111 -18.55 7.71 -25.09
CA ALA A 111 -17.43 7.91 -26.01
C ALA A 111 -16.16 8.43 -25.33
N LEU A 112 -16.22 8.78 -24.05
CA LEU A 112 -15.00 9.28 -23.41
C LEU A 112 -13.93 8.21 -23.33
N MET A 113 -14.31 6.93 -23.37
CA MET A 113 -13.31 5.87 -23.31
C MET A 113 -12.38 5.88 -24.51
N SER A 114 -12.80 6.50 -25.62
CA SER A 114 -11.98 6.53 -26.82
C SER A 114 -10.68 7.29 -26.61
N LEU A 115 -10.60 8.15 -25.58
CA LEU A 115 -9.36 8.89 -25.32
C LEU A 115 -8.22 7.97 -24.91
N TYR A 116 -8.52 6.81 -24.33
CA TYR A 116 -7.45 5.90 -23.94
C TYR A 116 -6.72 5.30 -25.15
N LYS A 117 -7.19 5.58 -26.38
CA LYS A 117 -6.47 5.21 -27.61
C LYS A 117 -6.31 6.38 -28.57
N TYR A 118 -6.58 7.61 -28.12
CA TYR A 118 -6.39 8.80 -28.93
C TYR A 118 -4.91 9.12 -29.08
N PRO A 119 -4.37 9.21 -30.32
CA PRO A 119 -2.97 9.60 -30.49
C PRO A 119 -2.71 11.08 -30.18
N PHE A 120 -2.61 11.44 -28.90
CA PHE A 120 -2.35 12.81 -28.50
C PHE A 120 -1.10 13.38 -29.17
N GLU A 121 -0.09 12.54 -29.41
CA GLU A 121 1.12 13.04 -30.05
C GLU A 121 0.84 13.61 -31.43
N LEU A 122 0.05 12.88 -32.24
CA LEU A 122 -0.31 13.37 -33.57
C LEU A 122 -1.20 14.62 -33.49
N TYR A 123 -2.11 14.66 -32.51
CA TYR A 123 -2.97 15.82 -32.34
C TYR A 123 -2.14 17.09 -32.14
N LEU A 124 -1.17 17.05 -31.22
CA LEU A 124 -0.34 18.23 -30.96
C LEU A 124 0.57 18.58 -32.14
N LYS A 125 0.86 17.64 -33.03
CA LYS A 125 1.63 17.93 -34.23
C LYS A 125 0.75 18.26 -35.43
N GLY A 126 -0.56 18.39 -35.23
CA GLY A 126 -1.43 18.76 -36.33
C GLY A 126 -1.58 17.72 -37.41
N GLU A 127 -1.45 16.45 -37.05
CA GLU A 127 -1.42 15.39 -38.05
C GLU A 127 -2.65 14.50 -38.02
N VAL A 128 -3.61 14.77 -37.14
CA VAL A 128 -4.94 14.17 -37.22
C VAL A 128 -5.96 15.30 -37.26
N GLU A 129 -6.94 15.18 -38.16
CA GLU A 129 -8.00 16.19 -38.24
C GLU A 129 -8.97 16.05 -37.07
N THR A 130 -9.33 14.81 -36.71
CA THR A 130 -10.15 14.57 -35.52
C THR A 130 -9.44 15.05 -34.26
N GLY A 131 -10.01 16.05 -33.58
CA GLY A 131 -9.41 16.66 -32.42
C GLY A 131 -10.11 16.30 -31.13
N ILE A 132 -9.92 17.15 -30.12
CA ILE A 132 -10.47 16.94 -28.79
C ILE A 132 -11.43 18.06 -28.40
N SER A 133 -12.01 18.73 -29.40
CA SER A 133 -12.68 20.00 -29.15
C SER A 133 -13.92 19.86 -28.30
N ASN A 134 -14.66 18.75 -28.43
CA ASN A 134 -15.86 18.64 -27.61
C ASN A 134 -15.52 18.21 -26.18
N TRP A 135 -14.39 17.53 -25.97
CA TRP A 135 -13.99 17.25 -24.60
C TRP A 135 -13.49 18.50 -23.88
N ILE A 136 -12.87 19.43 -24.60
CA ILE A 136 -12.56 20.72 -24.00
C ILE A 136 -13.85 21.45 -23.60
N ASN A 137 -14.89 21.42 -24.43
CA ASN A 137 -16.14 22.08 -24.07
C ASN A 137 -16.85 21.34 -22.94
N CYS A 138 -16.85 20.00 -22.97
CA CYS A 138 -17.33 19.25 -21.84
C CYS A 138 -16.64 19.71 -20.56
N SER A 139 -15.33 19.90 -20.61
CA SER A 139 -14.61 20.29 -19.41
C SER A 139 -15.00 21.70 -18.96
N SER A 140 -15.10 22.65 -19.89
CA SER A 140 -15.55 23.99 -19.52
C SER A 140 -16.97 23.99 -18.96
N ARG A 141 -17.83 23.08 -19.41
CA ARG A 141 -19.13 22.90 -18.79
C ARG A 141 -19.07 22.05 -17.54
N ARG A 142 -17.85 21.75 -17.06
CA ARG A 142 -17.64 20.88 -15.90
C ARG A 142 -18.47 19.60 -16.03
N TRP A 143 -18.61 19.11 -17.26
CA TRP A 143 -19.25 17.83 -17.57
C TRP A 143 -20.74 17.82 -17.17
N ASP A 144 -21.33 19.02 -17.11
CA ASP A 144 -22.75 19.23 -16.80
C ASP A 144 -23.15 18.63 -15.46
N THR A 145 -22.23 18.59 -14.51
CA THR A 145 -22.56 18.12 -13.18
C THR A 145 -22.16 19.17 -12.14
N GLU A 146 -22.89 19.15 -11.03
CA GLU A 146 -22.57 19.99 -9.89
C GLU A 146 -21.57 19.33 -8.94
N ASN A 147 -21.35 18.03 -9.07
CA ASN A 147 -20.40 17.30 -8.23
C ASN A 147 -19.00 17.70 -8.66
N SER A 148 -18.34 18.50 -7.82
CA SER A 148 -17.02 19.03 -8.15
C SER A 148 -16.02 17.90 -8.38
N LEU A 149 -16.08 16.84 -7.56
CA LEU A 149 -15.14 15.74 -7.69
C LEU A 149 -15.35 14.95 -8.99
N LEU A 150 -16.61 14.73 -9.38
CA LEU A 150 -16.89 14.02 -10.62
C LEU A 150 -16.32 14.78 -11.82
N SER A 151 -16.53 16.10 -11.84
CA SER A 151 -15.93 16.91 -12.89
C SER A 151 -14.41 16.73 -12.96
N ASP A 152 -13.77 16.56 -11.80
CA ASP A 152 -12.32 16.34 -11.80
C ASP A 152 -11.95 14.92 -12.23
N LEU A 153 -12.70 13.91 -11.79
CA LEU A 153 -12.46 12.56 -12.28
C LEU A 153 -12.53 12.51 -13.80
N LEU A 154 -13.51 13.20 -14.38
CA LEU A 154 -13.70 13.18 -15.83
C LEU A 154 -12.61 13.97 -16.54
N ASP A 155 -12.23 15.14 -16.02
CA ASP A 155 -11.09 15.87 -16.58
C ASP A 155 -9.85 14.98 -16.67
N GLY A 156 -9.64 14.11 -15.68
CA GLY A 156 -8.40 13.34 -15.63
C GLY A 156 -8.22 12.43 -16.83
N VAL A 157 -9.34 11.96 -17.41
CA VAL A 157 -9.27 11.14 -18.62
C VAL A 157 -8.59 11.92 -19.74
N LEU A 158 -8.94 13.20 -19.87
CA LEU A 158 -8.32 14.02 -20.89
C LEU A 158 -6.94 14.52 -20.46
N LEU A 159 -6.80 15.00 -19.21
CA LEU A 159 -5.68 15.84 -18.87
C LEU A 159 -4.39 15.07 -18.62
N ILE A 160 -4.46 13.89 -18.01
CA ILE A 160 -3.25 13.09 -17.81
C ILE A 160 -2.54 12.83 -19.15
N PRO A 161 -3.15 12.19 -20.15
CA PRO A 161 -2.40 11.94 -21.39
C PRO A 161 -2.02 13.22 -22.13
N LEU A 162 -2.87 14.24 -22.07
CA LEU A 162 -2.60 15.47 -22.81
C LEU A 162 -1.42 16.24 -22.21
N LEU A 163 -1.41 16.36 -20.88
CA LEU A 163 -0.32 17.08 -20.18
C LEU A 163 0.98 16.32 -20.30
N LEU A 164 0.93 15.01 -20.13
CA LEU A 164 2.13 14.20 -20.36
C LEU A 164 2.68 14.46 -21.76
N GLU A 165 1.81 14.54 -22.77
CA GLU A 165 2.30 14.75 -24.13
C GLU A 165 2.76 16.18 -24.33
N LEU A 166 2.04 17.14 -23.75
CA LEU A 166 2.48 18.53 -23.81
C LEU A 166 3.90 18.68 -23.28
N LYS A 167 4.20 18.04 -22.13
CA LYS A 167 5.53 18.16 -21.52
C LYS A 167 6.59 17.45 -22.35
N LYS A 168 6.25 16.28 -22.92
CA LYS A 168 7.21 15.53 -23.72
C LYS A 168 7.69 16.33 -24.92
N GLN A 169 6.82 17.18 -25.48
CA GLN A 169 7.17 18.02 -26.62
C GLN A 169 7.57 19.43 -26.21
N ASN A 170 7.85 19.66 -24.93
CA ASN A 170 8.29 20.96 -24.40
C ASN A 170 7.38 22.11 -24.80
N LEU A 171 6.08 21.85 -24.92
CA LEU A 171 5.15 22.87 -25.39
C LEU A 171 4.69 23.82 -24.28
N LEU A 172 5.08 23.58 -23.04
CA LEU A 172 4.78 24.54 -21.98
C LEU A 172 6.00 25.35 -21.60
N ASP A 173 7.08 25.23 -22.37
CA ASP A 173 8.24 26.11 -22.18
C ASP A 173 7.81 27.55 -22.40
N GLU A 174 8.37 28.47 -21.61
CA GLU A 174 7.83 29.82 -21.56
C GLU A 174 8.75 30.88 -22.14
N SER A 175 10.01 30.54 -22.46
CA SER A 175 10.78 31.39 -23.37
C SER A 175 10.08 31.42 -24.73
N LYS A 176 10.24 32.53 -25.43
CA LYS A 176 9.29 32.88 -26.51
C LYS A 176 7.91 32.88 -25.85
N LYS A 177 6.89 32.32 -26.47
CA LYS A 177 5.59 32.27 -25.82
C LYS A 177 5.11 30.83 -25.75
N ILE A 178 3.90 30.65 -25.24
CA ILE A 178 3.29 29.33 -25.08
C ILE A 178 2.41 29.05 -26.30
N PHE A 179 2.54 27.85 -26.84
CA PHE A 179 1.70 27.37 -27.94
C PHE A 179 1.97 28.05 -29.27
N ASN A 180 2.75 29.12 -29.28
CA ASN A 180 2.81 29.95 -30.49
C ASN A 180 3.47 29.26 -31.69
N THR A 181 4.09 28.09 -31.50
CA THR A 181 4.59 27.31 -32.63
C THR A 181 3.54 26.37 -33.21
N LEU A 182 2.30 26.44 -32.74
CA LEU A 182 1.23 25.57 -33.21
C LEU A 182 0.33 26.31 -34.20
N THR A 183 -0.55 25.55 -34.86
CA THR A 183 -1.53 26.16 -35.74
C THR A 183 -2.58 26.90 -34.92
N ASN A 184 -3.24 27.87 -35.58
CA ASN A 184 -4.13 28.78 -34.86
C ASN A 184 -5.27 28.03 -34.19
N SER A 185 -5.83 27.00 -34.84
CA SER A 185 -6.95 26.28 -34.25
C SER A 185 -6.49 25.41 -33.09
N LEU A 186 -5.37 24.71 -33.27
CA LEU A 186 -4.75 23.99 -32.17
C LEU A 186 -4.45 24.92 -31.00
N LYS A 187 -3.93 26.12 -31.29
CA LYS A 187 -3.55 27.00 -30.21
C LYS A 187 -4.78 27.63 -29.56
N GLN A 188 -5.88 27.77 -30.29
CA GLN A 188 -7.12 28.27 -29.69
C GLN A 188 -7.74 27.24 -28.75
N GLU A 189 -7.88 26.00 -29.23
CA GLU A 189 -8.39 24.92 -28.38
C GLU A 189 -7.65 24.86 -27.04
N LEU A 190 -6.32 24.77 -27.09
CA LEU A 190 -5.51 24.59 -25.89
C LEU A 190 -5.49 25.85 -25.01
N SER A 191 -5.54 27.05 -25.60
CA SER A 191 -5.64 28.26 -24.77
C SER A 191 -6.95 28.30 -24.01
N THR A 192 -8.06 27.96 -24.68
CA THR A 192 -9.34 27.90 -23.98
C THR A 192 -9.29 26.90 -22.84
N LEU A 193 -8.75 25.71 -23.09
CA LEU A 193 -8.68 24.70 -22.05
C LEU A 193 -7.84 25.19 -20.87
N PHE A 194 -6.64 25.71 -21.15
CA PHE A 194 -5.74 26.13 -20.09
C PHE A 194 -6.27 27.34 -19.33
N ILE A 195 -6.97 28.24 -20.01
CA ILE A 195 -7.60 29.36 -19.31
C ILE A 195 -8.76 28.88 -18.46
N ASN A 196 -9.61 28.00 -19.02
CA ASN A 196 -10.72 27.44 -18.25
C ASN A 196 -10.21 26.72 -17.00
N LEU A 197 -9.10 26.00 -17.12
CA LEU A 197 -8.57 25.26 -15.99
C LEU A 197 -7.89 26.15 -14.97
N GLY A 198 -7.64 27.41 -15.30
CA GLY A 198 -6.83 28.25 -14.44
C GLY A 198 -5.34 28.09 -14.63
N TRP A 199 -4.89 27.36 -15.65
CA TRP A 199 -3.47 27.09 -15.84
C TRP A 199 -2.75 28.20 -16.60
N ALA A 200 -3.49 29.04 -17.31
CA ALA A 200 -2.89 30.10 -18.08
C ALA A 200 -3.82 31.30 -18.03
N GLU A 201 -3.26 32.47 -18.22
CA GLU A 201 -4.05 33.68 -18.31
C GLU A 201 -3.53 34.52 -19.47
N GLU A 202 -4.44 35.22 -20.13
CA GLU A 202 -4.05 36.14 -21.20
C GLU A 202 -3.71 37.48 -20.55
N LYS A 203 -2.41 37.74 -20.40
CA LYS A 203 -1.94 39.04 -19.92
C LYS A 203 -1.98 40.02 -21.08
N THR A 204 -1.32 41.18 -20.94
CA THR A 204 -1.45 42.20 -21.97
C THR A 204 -0.50 41.95 -23.15
N GLU A 205 0.62 41.26 -22.93
CA GLU A 205 1.58 40.99 -24.00
C GLU A 205 1.41 39.63 -24.64
N GLY A 206 0.63 38.74 -24.03
CA GLY A 206 0.47 37.40 -24.56
C GLY A 206 -0.11 36.49 -23.50
N LEU A 207 -0.05 35.20 -23.81
CA LEU A 207 -0.58 34.16 -22.93
C LEU A 207 0.56 33.51 -22.16
N TYR A 208 0.39 33.39 -20.85
CA TYR A 208 1.42 32.77 -20.04
C TYR A 208 0.78 31.81 -19.05
N LEU A 209 1.60 30.88 -18.55
CA LEU A 209 1.14 30.00 -17.50
C LEU A 209 0.84 30.81 -16.23
N THR A 210 0.00 30.24 -15.38
CA THR A 210 -0.19 30.74 -14.03
C THR A 210 0.73 29.96 -13.11
N ASP A 211 0.75 30.34 -11.83
CA ASP A 211 1.47 29.56 -10.83
C ASP A 211 1.03 28.09 -10.89
N ILE A 212 -0.25 27.85 -11.16
CA ILE A 212 -0.78 26.49 -11.18
C ILE A 212 -0.30 25.73 -12.43
N GLY A 213 -0.39 26.37 -13.60
CA GLY A 213 0.07 25.71 -14.81
C GLY A 213 1.56 25.48 -14.79
N ARG A 214 2.31 26.44 -14.24
CA ARG A 214 3.75 26.26 -14.06
C ARG A 214 4.06 25.09 -13.13
N PHE A 215 3.22 24.89 -12.10
CA PHE A 215 3.33 23.72 -11.23
C PHE A 215 3.03 22.44 -12.00
N MET A 216 1.99 22.45 -12.84
CA MET A 216 1.69 21.30 -13.68
C MET A 216 2.87 20.93 -14.56
N ARG A 217 3.62 21.93 -15.04
CA ARG A 217 4.72 21.70 -15.95
C ARG A 217 5.97 21.16 -15.23
N ASP A 218 6.36 21.83 -14.14
CA ASP A 218 7.69 21.68 -13.53
C ASP A 218 7.77 20.56 -12.50
N ARG A 219 6.72 20.32 -11.74
CA ARG A 219 6.80 19.35 -10.67
C ARG A 219 6.63 17.94 -11.21
N SER A 220 7.37 17.00 -10.64
CA SER A 220 7.25 15.59 -11.00
C SER A 220 6.00 15.01 -10.36
N LEU A 221 5.06 14.56 -11.20
N LEU A 221 5.06 14.56 -11.20
CA LEU A 221 3.72 14.20 -10.75
CA LEU A 221 3.72 14.20 -10.75
C LEU A 221 3.35 12.75 -11.02
C LEU A 221 3.35 12.75 -11.02
N ASN A 222 4.31 11.93 -11.45
CA ASN A 222 4.07 10.53 -11.80
C ASN A 222 3.08 10.39 -12.96
N LEU A 223 2.97 11.41 -13.81
CA LEU A 223 2.06 11.33 -14.95
C LEU A 223 2.35 10.11 -15.80
N GLY A 224 3.63 9.89 -16.13
CA GLY A 224 3.99 8.74 -16.95
C GLY A 224 3.54 7.43 -16.35
N THR A 225 3.72 7.26 -15.04
CA THR A 225 3.30 6.03 -14.41
C THR A 225 1.79 5.83 -14.54
N THR A 226 1.02 6.86 -14.18
CA THR A 226 -0.44 6.77 -14.27
C THR A 226 -0.91 6.57 -15.69
N ALA A 227 -0.30 7.26 -16.66
CA ALA A 227 -0.66 7.11 -18.06
C ALA A 227 -0.37 5.72 -18.60
N SER A 228 0.57 5.00 -17.99
CA SER A 228 0.91 3.67 -18.47
C SER A 228 -0.09 2.62 -18.00
N TYR A 229 -1.00 2.99 -17.08
CA TYR A 229 -2.14 2.14 -16.80
C TYR A 229 -3.07 1.95 -18.01
N ALA A 230 -2.89 2.75 -19.08
CA ALA A 230 -3.88 2.90 -20.13
C ALA A 230 -4.11 1.62 -20.93
N PRO A 231 -3.07 0.88 -21.34
CA PRO A 231 -3.35 -0.34 -22.10
C PRO A 231 -4.24 -1.33 -21.38
N MET A 232 -4.15 -1.42 -20.05
CA MET A 232 -5.02 -2.34 -19.34
C MET A 232 -6.41 -1.75 -19.13
N LEU A 233 -6.47 -0.46 -18.81
CA LEU A 233 -7.75 0.21 -18.63
C LEU A 233 -8.58 0.22 -19.91
N LEU A 234 -7.92 0.19 -21.08
CA LEU A 234 -8.65 0.07 -22.33
C LEU A 234 -9.44 -1.22 -22.38
N GLN A 235 -8.99 -2.25 -21.68
CA GLN A 235 -9.56 -3.59 -21.79
C GLN A 235 -10.36 -3.96 -20.54
N MET A 236 -10.92 -2.95 -19.86
CA MET A 236 -11.62 -3.20 -18.60
C MET A 236 -12.78 -4.16 -18.78
N LYS A 237 -13.51 -4.06 -19.90
CA LYS A 237 -14.62 -4.98 -20.13
C LYS A 237 -14.13 -6.42 -20.24
N GLU A 238 -13.03 -6.63 -20.94
CA GLU A 238 -12.49 -7.98 -21.05
C GLU A 238 -12.02 -8.49 -19.69
N LEU A 239 -11.46 -7.59 -18.87
CA LEU A 239 -10.95 -7.98 -17.56
C LEU A 239 -12.09 -8.36 -16.60
N LEU A 240 -13.17 -7.59 -16.59
CA LEU A 240 -14.26 -7.86 -15.66
C LEU A 240 -15.19 -8.95 -16.15
N PHE A 241 -15.45 -9.02 -17.45
CA PHE A 241 -16.52 -9.87 -17.96
C PHE A 241 -16.06 -10.84 -19.03
N GLY A 242 -14.84 -10.71 -19.51
CA GLY A 242 -14.37 -11.57 -20.58
C GLY A 242 -13.25 -12.47 -20.09
N ASN A 243 -12.20 -12.57 -20.89
CA ASN A 243 -11.04 -13.41 -20.57
C ASN A 243 -9.88 -12.53 -20.15
N PRO A 244 -9.43 -12.58 -18.90
CA PRO A 244 -8.29 -11.74 -18.50
C PRO A 244 -6.98 -12.17 -19.13
N GLN A 245 -6.85 -13.45 -19.49
CA GLN A 245 -5.63 -13.89 -20.16
C GLN A 245 -5.44 -13.25 -21.53
N ARG A 246 -6.52 -12.75 -22.15
CA ARG A 246 -6.38 -11.91 -23.35
C ARG A 246 -5.85 -10.52 -22.99
N VAL A 247 -6.15 -10.04 -21.79
CA VAL A 247 -5.74 -8.70 -21.39
C VAL A 247 -4.24 -8.64 -21.13
N PHE A 248 -3.65 -9.71 -20.61
CA PHE A 248 -2.26 -9.69 -20.20
C PHE A 248 -1.34 -10.33 -21.23
N GLN A 249 -1.73 -10.28 -22.50
CA GLN A 249 -1.05 -10.96 -23.59
C GLN A 249 0.12 -10.15 -24.13
N ARG A 250 1.14 -10.86 -24.62
CA ARG A 250 2.40 -10.32 -25.20
C ARG A 250 3.16 -9.46 -24.19
N ASN A 264 13.99 2.41 -12.03
CA ASN A 264 13.74 0.98 -12.07
C ASN A 264 12.84 0.48 -10.92
N VAL A 265 12.09 1.40 -10.29
CA VAL A 265 11.18 1.07 -9.18
C VAL A 265 9.90 1.89 -9.32
N VAL A 266 8.82 1.24 -9.78
CA VAL A 266 7.59 1.99 -10.10
C VAL A 266 6.85 2.43 -8.83
N ALA A 267 6.91 1.63 -7.76
CA ALA A 267 6.14 1.94 -6.56
C ALA A 267 6.64 3.21 -5.89
N SER A 268 7.96 3.45 -5.91
CA SER A 268 8.54 4.69 -5.40
C SER A 268 8.34 5.85 -6.37
N GLY A 269 7.13 5.92 -6.94
CA GLY A 269 6.57 7.13 -7.50
C GLY A 269 5.38 7.55 -6.66
N PHE A 270 5.67 8.08 -5.47
CA PHE A 270 4.65 8.48 -4.50
C PHE A 270 4.50 10.00 -4.57
N GLN A 271 4.60 10.73 -3.46
CA GLN A 271 4.70 12.18 -3.47
C GLN A 271 6.01 12.63 -2.85
N HIS A 272 6.88 11.71 -2.46
CA HIS A 272 8.18 12.00 -1.86
C HIS A 272 8.95 10.68 -1.70
N GLU A 273 10.20 10.79 -1.25
CA GLU A 273 11.03 9.65 -0.90
C GLU A 273 11.63 9.83 0.49
N LYS A 274 10.81 10.31 1.42
CA LYS A 274 11.26 10.45 2.81
C LYS A 274 11.68 9.10 3.38
N PHE A 275 11.10 8.02 2.89
CA PHE A 275 11.40 6.72 3.48
C PHE A 275 12.83 6.29 3.19
N PHE A 276 13.47 6.78 2.12
CA PHE A 276 14.88 6.45 1.91
C PHE A 276 15.78 7.27 2.82
N ALA A 277 15.38 8.51 3.13
CA ALA A 277 16.05 9.27 4.20
C ALA A 277 15.91 8.55 5.54
N ASP A 278 14.76 7.95 5.80
CA ASP A 278 14.60 7.16 7.00
C ASP A 278 15.52 5.94 6.97
N THR A 279 15.57 5.26 5.82
CA THR A 279 16.50 4.15 5.65
C THR A 279 17.94 4.59 5.87
N ASP A 280 18.32 5.73 5.28
CA ASP A 280 19.62 6.32 5.57
C ASP A 280 19.86 6.37 7.07
N LYS A 281 18.90 6.94 7.81
CA LYS A 281 19.07 7.13 9.26
C LYS A 281 19.17 5.81 10.00
N ILE A 282 18.31 4.85 9.65
CA ILE A 282 18.36 3.54 10.28
C ILE A 282 19.73 2.90 10.05
N ILE A 283 20.22 2.99 8.80
CA ILE A 283 21.50 2.39 8.42
C ILE A 283 22.64 2.98 9.25
N ILE A 284 22.72 4.31 9.28
CA ILE A 284 23.73 4.99 10.08
C ILE A 284 23.72 4.47 11.51
N SER A 285 22.53 4.32 12.07
CA SER A 285 22.43 3.88 13.45
C SER A 285 22.91 2.46 13.64
N ILE A 286 22.59 1.58 12.70
CA ILE A 286 23.10 0.22 12.76
C ILE A 286 24.62 0.22 12.77
N PHE A 287 25.23 1.03 11.92
CA PHE A 287 26.68 1.05 11.77
C PHE A 287 27.35 2.15 12.60
N ASN A 288 26.62 2.67 13.59
CA ASN A 288 27.16 3.40 14.73
C ASN A 288 27.15 2.58 16.01
N GLN A 289 26.60 1.36 15.95
CA GLN A 289 26.56 0.51 17.13
C GLN A 289 27.96 0.09 17.52
N GLN A 290 28.18 0.02 18.83
CA GLN A 290 29.45 -0.31 19.41
C GLN A 290 29.32 -1.57 20.26
N PRO A 291 30.33 -2.44 20.28
CA PRO A 291 31.57 -2.26 19.53
C PRO A 291 31.39 -2.65 18.07
N ILE A 292 32.29 -2.18 17.21
CA ILE A 292 32.15 -2.36 15.76
C ILE A 292 31.96 -3.82 15.40
N GLU A 293 32.66 -4.73 16.08
CA GLU A 293 32.65 -6.14 15.67
C GLU A 293 31.28 -6.79 15.80
N GLU A 294 30.35 -6.18 16.52
CA GLU A 294 29.01 -6.75 16.56
C GLU A 294 28.13 -6.27 15.40
N GLN A 295 28.63 -5.36 14.56
CA GLN A 295 27.88 -4.86 13.43
C GLN A 295 27.84 -5.91 12.31
N PRO A 296 26.92 -5.77 11.35
CA PRO A 296 26.90 -6.70 10.21
C PRO A 296 28.11 -6.50 9.32
N ILE A 297 28.38 -7.51 8.51
CA ILE A 297 29.45 -7.45 7.51
C ILE A 297 28.89 -7.45 6.09
N TYR A 298 27.83 -8.23 5.85
CA TYR A 298 27.18 -8.33 4.54
C TYR A 298 25.82 -7.64 4.58
N ILE A 299 25.54 -6.84 3.56
CA ILE A 299 24.25 -6.20 3.37
C ILE A 299 23.67 -6.77 2.09
N VAL A 300 22.69 -7.65 2.25
CA VAL A 300 22.12 -8.45 1.17
C VAL A 300 20.80 -7.83 0.77
N ASP A 301 20.71 -7.32 -0.46
CA ASP A 301 19.51 -6.64 -0.95
C ASP A 301 18.75 -7.55 -1.91
N MET A 302 17.57 -7.99 -1.49
CA MET A 302 16.68 -8.79 -2.33
C MET A 302 15.94 -7.87 -3.30
N GLY A 303 16.11 -8.11 -4.60
CA GLY A 303 15.62 -7.21 -5.62
C GLY A 303 16.58 -6.04 -5.80
N CYS A 304 17.86 -6.35 -6.10
CA CYS A 304 18.87 -5.29 -6.10
C CYS A 304 18.69 -4.33 -7.27
N GLY A 305 18.15 -4.81 -8.39
CA GLY A 305 17.79 -3.92 -9.48
C GLY A 305 19.00 -3.46 -10.24
N ASP A 306 19.31 -2.16 -10.19
CA ASP A 306 20.54 -1.63 -10.77
C ASP A 306 21.58 -1.29 -9.69
N GLY A 307 21.45 -1.86 -8.50
CA GLY A 307 22.38 -1.59 -7.42
C GLY A 307 22.18 -0.26 -6.75
N THR A 308 21.14 0.49 -7.11
CA THR A 308 20.96 1.85 -6.58
C THR A 308 20.90 1.87 -5.06
N LEU A 309 20.06 1.02 -4.47
CA LEU A 309 19.92 1.04 -3.01
C LEU A 309 21.21 0.59 -2.34
N LEU A 310 21.88 -0.41 -2.89
CA LEU A 310 23.15 -0.86 -2.35
C LEU A 310 24.19 0.26 -2.40
N LYS A 311 24.37 0.87 -3.58
CA LYS A 311 25.34 1.95 -3.69
C LYS A 311 25.02 3.09 -2.72
N ARG A 312 23.73 3.38 -2.54
CA ARG A 312 23.33 4.46 -1.64
C ARG A 312 23.66 4.12 -0.19
N ILE A 313 23.45 2.85 0.21
CA ILE A 313 23.70 2.46 1.59
C ILE A 313 25.20 2.43 1.86
N TYR A 314 25.98 1.98 0.88
CA TYR A 314 27.42 1.91 1.08
C TYR A 314 28.01 3.30 1.27
N LYS A 315 27.61 4.26 0.44
CA LYS A 315 28.14 5.61 0.61
C LYS A 315 27.71 6.20 1.95
N ILE A 316 26.47 5.93 2.38
CA ILE A 316 26.00 6.41 3.68
C ILE A 316 26.86 5.84 4.81
N ILE A 317 27.10 4.53 4.79
CA ILE A 317 27.96 3.92 5.79
C ILE A 317 29.33 4.59 5.80
N LYS A 318 29.86 4.87 4.61
CA LYS A 318 31.23 5.39 4.51
C LYS A 318 31.33 6.79 5.09
N GLN A 319 30.44 7.70 4.68
CA GLN A 319 30.60 9.10 5.01
C GLN A 319 30.04 9.49 6.38
N PHE A 320 29.17 8.68 6.98
CA PHE A 320 28.44 9.14 8.15
C PHE A 320 28.45 8.23 9.37
N SER A 321 28.92 7.00 9.27
CA SER A 321 28.87 6.11 10.42
C SER A 321 30.26 5.85 10.95
N ALA A 322 30.31 5.38 12.19
CA ALA A 322 31.58 4.98 12.77
C ALA A 322 32.27 3.92 11.92
N ARG A 323 31.50 2.95 11.43
CA ARG A 323 32.06 1.88 10.60
C ARG A 323 32.77 2.43 9.36
N GLY A 324 32.32 3.58 8.85
CA GLY A 324 32.96 4.18 7.68
C GLY A 324 34.35 4.72 7.93
N LYS A 325 34.71 4.94 9.19
CA LYS A 325 36.07 5.36 9.50
C LYS A 325 37.06 4.19 9.49
N VAL A 326 36.60 2.94 9.39
CA VAL A 326 37.49 1.80 9.53
C VAL A 326 37.18 0.70 8.52
N LEU A 327 36.75 1.07 7.31
CA LEU A 327 36.36 0.05 6.32
C LEU A 327 37.55 -0.80 5.89
N THR A 328 38.78 -0.28 6.03
CA THR A 328 39.98 -1.08 5.73
C THR A 328 40.16 -2.22 6.72
N GLU A 329 39.86 -1.96 8.00
CA GLU A 329 40.03 -2.96 9.04
C GLU A 329 38.84 -3.90 9.11
N TYR A 330 37.62 -3.38 8.90
CA TYR A 330 36.37 -4.12 9.08
C TYR A 330 35.55 -3.91 7.81
N PRO A 331 35.81 -4.69 6.77
CA PRO A 331 35.14 -4.49 5.49
C PRO A 331 33.65 -4.69 5.60
N ILE A 332 32.95 -3.98 4.72
CA ILE A 332 31.55 -4.19 4.45
C ILE A 332 31.42 -4.64 3.01
N ILE A 333 30.70 -5.72 2.79
CA ILE A 333 30.52 -6.30 1.47
C ILE A 333 29.05 -6.19 1.07
N MET A 334 28.76 -5.53 -0.04
CA MET A 334 27.38 -5.33 -0.49
C MET A 334 26.98 -6.49 -1.38
N VAL A 335 25.80 -7.06 -1.16
CA VAL A 335 25.37 -8.22 -1.92
C VAL A 335 24.04 -7.91 -2.62
N GLY A 336 24.07 -7.91 -3.96
CA GLY A 336 22.87 -7.75 -4.75
C GLY A 336 22.30 -9.11 -5.13
N VAL A 337 21.00 -9.28 -4.86
CA VAL A 337 20.29 -10.50 -5.21
C VAL A 337 19.11 -10.12 -6.10
N ASP A 338 18.92 -10.86 -7.18
CA ASP A 338 17.83 -10.56 -8.09
C ASP A 338 17.54 -11.77 -8.96
N TYR A 339 16.28 -11.97 -9.33
CA TYR A 339 15.90 -13.13 -10.13
C TYR A 339 16.15 -12.93 -11.61
N ASN A 340 16.38 -11.70 -12.05
CA ASN A 340 16.68 -11.38 -13.44
C ASN A 340 18.20 -11.32 -13.61
N GLN A 341 18.74 -12.14 -14.51
CA GLN A 341 20.19 -12.19 -14.67
C GLN A 341 20.75 -10.85 -15.14
N GLU A 342 19.99 -10.12 -15.96
CA GLU A 342 20.49 -8.84 -16.45
C GLU A 342 20.62 -7.83 -15.32
N ALA A 343 19.71 -7.88 -14.34
CA ALA A 343 19.80 -6.99 -13.19
C ALA A 343 21.06 -7.23 -12.36
N LEU A 344 21.51 -8.49 -12.28
CA LEU A 344 22.77 -8.77 -11.60
C LEU A 344 23.92 -8.05 -12.28
N ASP A 345 23.92 -8.01 -13.62
CA ASP A 345 25.05 -7.45 -14.35
C ASP A 345 25.09 -5.93 -14.25
N VAL A 346 23.94 -5.28 -14.40
CA VAL A 346 23.87 -3.85 -14.16
C VAL A 346 24.29 -3.53 -12.72
N THR A 347 23.80 -4.30 -11.75
CA THR A 347 24.23 -4.11 -10.37
C THR A 347 25.73 -4.33 -10.22
N ASP A 348 26.23 -5.45 -10.77
CA ASP A 348 27.65 -5.81 -10.65
C ASP A 348 28.55 -4.75 -11.29
N LYS A 349 28.09 -4.10 -12.34
CA LYS A 349 28.91 -3.04 -12.90
C LYS A 349 28.73 -1.73 -12.16
N ASN A 350 27.51 -1.43 -11.70
CA ASN A 350 27.30 -0.15 -11.03
C ASN A 350 28.03 -0.08 -9.70
N LEU A 351 28.29 -1.22 -9.06
CA LEU A 351 29.03 -1.30 -7.80
C LEU A 351 30.50 -1.61 -8.01
N VAL A 352 31.13 -1.09 -9.08
CA VAL A 352 32.45 -1.58 -9.47
C VAL A 352 33.50 -1.21 -8.43
N ASP A 353 33.40 -0.01 -7.85
CA ASP A 353 34.40 0.47 -6.90
C ASP A 353 34.01 0.17 -5.46
N ILE A 354 33.08 -0.75 -5.25
CA ILE A 354 32.54 -1.07 -3.93
C ILE A 354 32.69 -2.57 -3.74
N PRO A 355 33.27 -3.04 -2.63
CA PRO A 355 33.29 -4.49 -2.36
C PRO A 355 31.89 -5.07 -2.41
N HIS A 356 31.62 -5.89 -3.42
CA HIS A 356 30.28 -6.43 -3.58
C HIS A 356 30.34 -7.83 -4.13
N LEU A 357 29.19 -8.50 -4.07
CA LEU A 357 28.93 -9.75 -4.75
C LEU A 357 27.55 -9.69 -5.36
N VAL A 358 27.30 -10.61 -6.27
CA VAL A 358 26.08 -10.60 -7.04
C VAL A 358 25.62 -12.05 -7.17
N ILE A 359 24.42 -12.33 -6.66
CA ILE A 359 23.94 -13.68 -6.43
C ILE A 359 22.51 -13.76 -6.97
N PRO A 360 22.14 -14.79 -7.70
CA PRO A 360 20.73 -14.93 -8.10
C PRO A 360 19.87 -15.44 -6.96
N GLY A 361 18.64 -14.96 -6.92
CA GLY A 361 17.73 -15.39 -5.87
C GLY A 361 16.33 -14.88 -6.14
N ASP A 362 15.41 -15.38 -5.32
CA ASP A 362 13.99 -15.05 -5.46
C ASP A 362 13.47 -14.73 -4.06
N ILE A 363 12.72 -13.63 -3.94
CA ILE A 363 11.99 -13.42 -2.69
C ILE A 363 10.96 -14.54 -2.59
N GLY A 364 10.83 -15.12 -1.42
CA GLY A 364 10.02 -16.31 -1.37
C GLY A 364 10.77 -17.61 -1.62
N ALA A 365 12.05 -17.53 -2.00
CA ALA A 365 12.92 -18.69 -1.85
C ALA A 365 14.11 -18.36 -0.96
N PRO A 366 13.90 -17.85 0.27
CA PRO A 366 15.05 -17.41 1.07
C PRO A 366 15.91 -18.55 1.59
N GLU A 367 15.39 -19.78 1.67
CA GLU A 367 16.23 -20.91 2.06
C GLU A 367 17.25 -21.25 0.98
N LYS A 368 16.89 -21.04 -0.28
CA LYS A 368 17.85 -21.18 -1.37
C LYS A 368 18.91 -20.08 -1.30
N LEU A 369 18.49 -18.85 -1.01
CA LEU A 369 19.46 -17.79 -0.83
C LEU A 369 20.46 -18.12 0.26
N LEU A 370 20.00 -18.70 1.37
CA LEU A 370 20.88 -19.01 2.48
C LEU A 370 21.85 -20.11 2.12
N GLU A 371 21.36 -21.13 1.42
CA GLU A 371 22.25 -22.17 0.91
C GLU A 371 23.29 -21.58 -0.03
N GLN A 372 22.90 -20.57 -0.81
CA GLN A 372 23.83 -19.93 -1.73
C GLN A 372 24.90 -19.13 -0.99
N LEU A 373 24.47 -18.28 -0.04
CA LEU A 373 25.41 -17.54 0.79
C LEU A 373 26.42 -18.45 1.47
N LYS A 374 25.93 -19.55 2.06
CA LYS A 374 26.81 -20.46 2.80
C LYS A 374 27.80 -21.15 1.89
N ALA A 375 27.42 -21.39 0.64
CA ALA A 375 28.31 -21.96 -0.36
C ALA A 375 29.38 -20.98 -0.83
N GLN A 376 29.35 -19.74 -0.35
CA GLN A 376 30.43 -18.79 -0.56
C GLN A 376 31.00 -18.30 0.76
N GLY A 377 30.94 -19.15 1.79
CA GLY A 377 31.56 -18.84 3.07
C GLY A 377 30.99 -17.63 3.77
N ILE A 378 29.75 -17.25 3.46
CA ILE A 378 29.11 -16.13 4.14
C ILE A 378 28.32 -16.71 5.30
N GLU A 379 28.75 -16.45 6.52
CA GLU A 379 28.01 -16.94 7.68
C GLU A 379 26.73 -16.11 7.88
N PRO A 380 25.57 -16.76 8.03
CA PRO A 380 24.32 -15.99 8.15
C PRO A 380 24.32 -15.02 9.31
N GLU A 381 25.03 -15.35 10.39
CA GLU A 381 25.11 -14.48 11.56
C GLU A 381 25.76 -13.15 11.26
N LYS A 382 26.35 -12.98 10.07
CA LYS A 382 27.03 -11.74 9.71
C LYS A 382 26.23 -10.89 8.73
N VAL A 383 24.95 -11.20 8.52
CA VAL A 383 24.18 -10.66 7.40
C VAL A 383 23.09 -9.72 7.90
N LEU A 384 22.92 -8.61 7.21
CA LEU A 384 21.75 -7.73 7.34
C LEU A 384 20.96 -7.81 6.04
N HIS A 385 19.74 -8.33 6.10
CA HIS A 385 18.90 -8.40 4.92
C HIS A 385 18.12 -7.10 4.75
N ILE A 386 17.99 -6.64 3.50
CA ILE A 386 17.19 -5.48 3.18
C ILE A 386 16.37 -5.78 1.94
N ARG A 387 15.29 -5.02 1.77
CA ARG A 387 14.53 -4.97 0.53
C ARG A 387 13.55 -3.82 0.59
N SER A 388 13.23 -3.25 -0.57
CA SER A 388 12.25 -2.17 -0.63
C SER A 388 11.12 -2.54 -1.56
N PHE A 389 9.88 -2.49 -1.05
CA PHE A 389 8.65 -2.59 -1.83
C PHE A 389 8.63 -3.82 -2.75
N LEU A 390 8.69 -5.01 -2.13
CA LEU A 390 8.86 -6.24 -2.91
C LEU A 390 7.99 -7.41 -2.46
N ASP A 391 7.62 -7.52 -1.19
CA ASP A 391 6.82 -8.66 -0.75
C ASP A 391 5.46 -8.71 -1.44
N HIS A 392 4.89 -7.55 -1.76
CA HIS A 392 3.62 -7.55 -2.46
C HIS A 392 3.75 -8.04 -3.89
N ASP A 393 4.98 -8.14 -4.40
CA ASP A 393 5.21 -8.55 -5.78
C ASP A 393 5.76 -9.96 -5.86
N ARG A 394 5.79 -10.69 -4.74
CA ARG A 394 6.28 -12.05 -4.75
C ARG A 394 5.41 -12.93 -5.65
N PRO A 395 5.98 -13.99 -6.22
CA PRO A 395 5.14 -15.02 -6.83
C PRO A 395 4.26 -15.65 -5.76
N PHE A 396 2.94 -15.59 -5.98
CA PHE A 396 2.02 -16.15 -4.99
C PHE A 396 2.22 -17.64 -4.86
N ILE A 397 2.52 -18.10 -3.65
CA ILE A 397 2.57 -19.52 -3.34
C ILE A 397 1.36 -19.82 -2.46
N ALA A 398 0.55 -20.81 -2.86
CA ALA A 398 -0.66 -21.15 -2.13
C ALA A 398 -0.32 -21.68 -0.72
N PRO A 399 -1.21 -21.47 0.24
CA PRO A 399 -0.99 -22.00 1.60
C PRO A 399 -0.69 -23.50 1.59
N LYS A 400 0.33 -23.88 2.36
CA LYS A 400 0.65 -25.28 2.56
C LYS A 400 0.10 -25.85 3.86
N ASN A 401 -0.13 -25.01 4.88
CA ASN A 401 -0.81 -25.41 6.11
C ASN A 401 -2.32 -25.35 5.88
N THR A 402 -2.85 -26.42 5.26
CA THR A 402 -4.27 -26.47 4.90
C THR A 402 -5.15 -26.26 6.12
N GLU A 403 -4.81 -26.87 7.25
CA GLU A 403 -5.63 -26.76 8.44
C GLU A 403 -5.54 -25.36 9.05
N ILE A 404 -4.33 -24.86 9.25
CA ILE A 404 -4.19 -23.53 9.81
C ILE A 404 -4.85 -22.49 8.90
N ALA A 405 -4.75 -22.70 7.58
CA ALA A 405 -5.39 -21.80 6.62
C ALA A 405 -6.90 -21.79 6.80
N GLN A 406 -7.49 -22.97 6.98
CA GLN A 406 -8.93 -23.06 7.16
C GLN A 406 -9.36 -22.32 8.43
N ALA A 407 -8.67 -22.59 9.54
CA ALA A 407 -8.98 -21.93 10.81
C ALA A 407 -8.96 -20.41 10.68
N ARG A 408 -8.16 -19.88 9.76
CA ARG A 408 -8.10 -18.44 9.54
C ARG A 408 -9.31 -17.89 8.79
N SER A 409 -10.16 -18.76 8.23
CA SER A 409 -11.35 -18.27 7.54
C SER A 409 -12.35 -17.62 8.49
N GLN A 410 -12.20 -17.86 9.80
CA GLN A 410 -13.08 -17.26 10.79
C GLN A 410 -12.77 -15.78 11.03
N LEU A 411 -11.55 -15.34 10.71
CA LEU A 411 -11.24 -13.92 10.75
C LEU A 411 -11.98 -13.20 9.63
N ASP A 412 -11.82 -11.87 9.58
CA ASP A 412 -12.65 -11.02 8.73
C ASP A 412 -11.80 -10.09 7.89
N TYR A 413 -10.86 -10.64 7.14
CA TYR A 413 -9.95 -9.78 6.40
C TYR A 413 -10.61 -9.20 5.15
N GLN A 414 -10.19 -8.00 4.78
CA GLN A 414 -10.72 -7.27 3.65
C GLN A 414 -9.79 -7.30 2.44
N VAL A 415 -8.72 -8.08 2.53
CA VAL A 415 -7.71 -8.18 1.48
C VAL A 415 -8.35 -8.53 0.12
N VAL A 416 -7.92 -7.84 -0.93
CA VAL A 416 -8.33 -8.12 -2.31
C VAL A 416 -7.10 -8.60 -3.08
N ASP A 417 -7.19 -9.81 -3.63
CA ASP A 417 -6.05 -10.46 -4.26
C ASP A 417 -6.61 -11.34 -5.37
N VAL A 418 -6.07 -11.18 -6.58
CA VAL A 418 -6.61 -11.82 -7.77
C VAL A 418 -5.58 -12.79 -8.32
N ASP A 419 -6.06 -13.90 -8.88
CA ASP A 419 -5.20 -14.97 -9.36
C ASP A 419 -5.17 -15.01 -10.90
N ARG A 420 -4.35 -15.93 -11.43
CA ARG A 420 -4.07 -15.99 -12.86
C ARG A 420 -5.32 -16.01 -13.73
N GLU A 421 -6.41 -16.58 -13.22
CA GLU A 421 -7.65 -16.68 -13.95
C GLU A 421 -8.61 -15.51 -13.73
N GLY A 422 -8.24 -14.53 -12.91
CA GLY A 422 -9.17 -13.46 -12.61
C GLY A 422 -10.14 -13.78 -11.50
N LYS A 423 -9.94 -14.88 -10.78
CA LYS A 423 -10.81 -15.24 -9.68
C LYS A 423 -10.31 -14.61 -8.38
N LEU A 424 -11.25 -14.28 -7.49
CA LEU A 424 -10.90 -13.71 -6.20
C LEU A 424 -10.29 -14.77 -5.30
N ILE A 425 -9.10 -14.49 -4.80
CA ILE A 425 -8.46 -15.34 -3.79
C ILE A 425 -9.10 -15.03 -2.44
N PRO A 426 -9.62 -16.03 -1.73
CA PRO A 426 -10.26 -15.76 -0.41
C PRO A 426 -9.30 -15.08 0.53
N PRO A 427 -9.74 -14.00 1.19
CA PRO A 427 -8.83 -13.21 2.02
C PRO A 427 -8.03 -14.00 3.04
N HIS A 428 -8.63 -14.96 3.74
CA HIS A 428 -7.82 -15.74 4.68
C HIS A 428 -6.76 -16.56 3.95
N ILE A 429 -7.04 -17.02 2.72
CA ILE A 429 -6.03 -17.71 1.93
C ILE A 429 -4.89 -16.76 1.55
N ALA A 430 -5.22 -15.54 1.13
CA ALA A 430 -4.18 -14.57 0.77
C ALA A 430 -3.30 -14.23 1.98
N VAL A 431 -3.90 -14.09 3.16
CA VAL A 431 -3.13 -13.78 4.37
C VAL A 431 -2.32 -14.99 4.81
N GLN A 432 -2.93 -16.18 4.84
CA GLN A 432 -2.15 -17.40 5.12
C GLN A 432 -0.93 -17.50 4.22
N SER A 433 -1.11 -17.23 2.92
CA SER A 433 0.03 -17.19 2.01
C SER A 433 1.10 -16.21 2.50
N LEU A 434 0.68 -14.99 2.86
CA LEU A 434 1.65 -14.00 3.34
C LEU A 434 2.36 -14.49 4.59
N VAL A 435 1.63 -15.12 5.51
CA VAL A 435 2.20 -15.58 6.77
C VAL A 435 3.24 -16.65 6.53
N GLU A 436 2.92 -17.64 5.69
CA GLU A 436 3.90 -18.67 5.33
C GLU A 436 5.09 -18.08 4.58
N HIS A 437 4.86 -17.01 3.83
CA HIS A 437 5.96 -16.34 3.15
C HIS A 437 6.89 -15.66 4.16
N LEU A 438 6.33 -14.95 5.14
CA LEU A 438 7.18 -14.34 6.16
C LEU A 438 7.81 -15.38 7.08
N GLU A 439 7.19 -16.57 7.22
CA GLU A 439 7.81 -17.60 8.04
C GLU A 439 9.10 -18.12 7.40
N ARG A 440 9.14 -18.22 6.06
CA ARG A 440 10.38 -18.63 5.38
C ARG A 440 11.49 -17.63 5.62
N TRP A 441 11.18 -16.34 5.51
CA TRP A 441 12.14 -15.30 5.85
C TRP A 441 12.51 -15.33 7.33
N SER A 442 11.52 -15.52 8.21
CA SER A 442 11.78 -15.51 9.65
C SER A 442 12.85 -16.55 10.03
N SER A 443 12.93 -17.66 9.30
CA SER A 443 13.83 -18.74 9.69
C SER A 443 15.27 -18.55 9.23
N ILE A 444 15.55 -17.58 8.35
CA ILE A 444 16.92 -17.26 7.96
C ILE A 444 17.38 -15.91 8.49
N ILE A 445 16.48 -15.11 9.07
CA ILE A 445 16.83 -13.82 9.66
C ILE A 445 17.69 -14.06 10.90
N THR A 446 18.70 -13.22 11.08
CA THR A 446 19.64 -13.34 12.20
C THR A 446 19.56 -12.09 13.08
N ARG A 447 20.49 -11.99 14.03
CA ARG A 447 20.49 -10.91 15.01
C ARG A 447 20.47 -9.54 14.38
N HIS A 448 20.89 -9.42 13.13
CA HIS A 448 20.91 -8.11 12.51
C HIS A 448 19.56 -7.72 11.95
N GLY A 449 18.66 -8.68 11.80
CA GLY A 449 17.31 -8.35 11.40
C GLY A 449 17.15 -8.18 9.90
N LEU A 450 16.01 -7.58 9.56
CA LEU A 450 15.54 -7.49 8.19
C LEU A 450 14.97 -6.09 7.99
N LEU A 451 15.62 -5.30 7.15
CA LEU A 451 15.17 -3.95 6.86
C LEU A 451 14.24 -4.02 5.65
N LEU A 452 12.96 -3.69 5.86
CA LEU A 452 11.93 -3.98 4.87
C LEU A 452 11.01 -2.78 4.71
N LEU A 453 10.94 -2.22 3.51
CA LEU A 453 9.91 -1.25 3.17
C LEU A 453 8.80 -1.92 2.37
N GLU A 454 7.55 -1.53 2.64
CA GLU A 454 6.41 -2.13 1.93
C GLU A 454 5.30 -1.10 1.76
N VAL A 455 4.52 -1.29 0.70
CA VAL A 455 3.36 -0.46 0.39
C VAL A 455 2.11 -1.25 0.76
N HIS A 456 1.03 -0.53 1.12
CA HIS A 456 -0.15 -1.16 1.70
C HIS A 456 -1.43 -0.55 1.13
N SER A 457 -2.47 -1.36 1.13
CA SER A 457 -3.78 -0.97 0.63
C SER A 457 -4.62 -0.40 1.77
N LEU A 458 -5.74 0.19 1.41
CA LEU A 458 -6.69 0.70 2.39
C LEU A 458 -8.06 0.04 2.20
N THR A 459 -8.87 0.22 3.16
CA THR A 459 -10.25 -0.21 3.16
C THR A 459 -11.14 0.86 2.54
N PRO A 460 -12.23 0.45 1.89
CA PRO A 460 -13.15 1.46 1.32
C PRO A 460 -13.64 2.46 2.34
N ALA A 461 -13.80 2.07 3.61
CA ALA A 461 -14.30 3.01 4.60
C ALA A 461 -13.35 4.18 4.78
N VAL A 462 -12.05 3.90 4.75
CA VAL A 462 -11.06 4.94 4.96
C VAL A 462 -10.80 5.75 3.69
N VAL A 463 -10.63 5.08 2.53
CA VAL A 463 -10.45 5.80 1.26
C VAL A 463 -11.56 6.83 1.07
N LYS A 464 -12.78 6.48 1.49
CA LYS A 464 -13.92 7.40 1.43
C LYS A 464 -13.60 8.74 2.08
N LYS A 465 -12.99 8.70 3.27
CA LYS A 465 -12.77 9.91 4.06
C LYS A 465 -11.61 10.74 3.52
N TYR A 466 -10.68 10.11 2.82
CA TYR A 466 -9.45 10.76 2.37
C TYR A 466 -9.25 10.59 0.86
N ILE A 467 -10.31 10.83 0.08
CA ILE A 467 -10.21 10.72 -1.37
C ILE A 467 -9.15 11.69 -1.90
N ASP A 468 -9.19 12.95 -1.45
CA ASP A 468 -8.29 13.95 -1.99
C ASP A 468 -6.83 13.77 -1.52
N GLU A 469 -6.63 13.28 -0.30
CA GLU A 469 -5.31 13.30 0.33
C GLU A 469 -4.45 12.11 -0.07
N SER A 470 -5.06 10.98 -0.44
CA SER A 470 -4.33 9.73 -0.61
C SER A 470 -4.56 9.16 -2.01
N GLU A 471 -3.54 8.48 -2.51
CA GLU A 471 -3.53 7.87 -3.83
C GLU A 471 -4.19 6.50 -3.86
N SER A 472 -4.67 6.00 -2.73
CA SER A 472 -5.10 4.62 -2.62
C SER A 472 -6.10 4.22 -3.71
N LEU A 473 -7.07 5.09 -3.99
CA LEU A 473 -8.16 4.75 -4.91
C LEU A 473 -7.65 4.17 -6.22
N HIS A 474 -6.71 4.87 -6.88
CA HIS A 474 -6.23 4.38 -8.17
C HIS A 474 -5.10 3.35 -8.02
N PHE A 475 -4.19 3.57 -7.08
CA PHE A 475 -3.06 2.66 -6.89
C PHE A 475 -3.52 1.25 -6.48
N ASP A 476 -4.37 1.16 -5.46
CA ASP A 476 -4.79 -0.17 -4.99
C ASP A 476 -5.57 -0.89 -6.08
N ALA A 477 -6.38 -0.17 -6.84
CA ALA A 477 -7.11 -0.79 -7.94
C ALA A 477 -6.15 -1.26 -9.01
N TYR A 478 -5.22 -0.40 -9.41
CA TYR A 478 -4.34 -0.79 -10.50
C TYR A 478 -3.47 -1.99 -10.11
N HIS A 479 -2.97 -2.02 -8.89
CA HIS A 479 -2.07 -3.09 -8.50
C HIS A 479 -2.80 -4.38 -8.15
N ALA A 480 -4.06 -4.28 -7.72
CA ALA A 480 -4.87 -5.49 -7.55
C ALA A 480 -5.25 -6.08 -8.90
N PHE A 481 -5.67 -5.24 -9.86
CA PHE A 481 -5.91 -5.68 -11.23
C PHE A 481 -4.70 -6.42 -11.82
N SER A 482 -3.49 -5.99 -11.46
CA SER A 482 -2.22 -6.54 -11.91
C SER A 482 -1.79 -7.78 -11.16
N MET A 483 -2.68 -8.37 -10.34
CA MET A 483 -2.43 -9.63 -9.65
C MET A 483 -1.27 -9.54 -8.64
N GLN A 484 -1.12 -8.39 -8.01
CA GLN A 484 -0.18 -8.22 -6.93
C GLN A 484 -0.91 -8.28 -5.59
N HIS A 485 -0.12 -8.33 -4.52
CA HIS A 485 -0.60 -8.81 -3.21
C HIS A 485 -0.40 -7.72 -2.14
N LEU A 486 -1.18 -6.64 -2.23
CA LEU A 486 -1.23 -5.65 -1.17
C LEU A 486 -2.13 -6.12 -0.03
N VAL A 487 -1.73 -5.77 1.20
CA VAL A 487 -2.58 -5.90 2.37
C VAL A 487 -2.53 -4.59 3.14
N GLU A 488 -3.51 -4.42 4.03
CA GLU A 488 -3.54 -3.30 4.98
C GLU A 488 -2.34 -3.37 5.94
N ALA A 489 -1.89 -2.19 6.38
CA ALA A 489 -0.65 -2.15 7.16
C ALA A 489 -0.75 -3.01 8.41
N ASP A 490 -1.91 -3.00 9.09
CA ASP A 490 -2.01 -3.76 10.32
C ASP A 490 -2.02 -5.26 10.05
N VAL A 491 -2.56 -5.68 8.89
CA VAL A 491 -2.48 -7.09 8.51
C VAL A 491 -1.04 -7.51 8.31
N PHE A 492 -0.25 -6.66 7.65
CA PHE A 492 1.15 -6.97 7.40
C PHE A 492 1.91 -7.13 8.71
N LEU A 493 1.71 -6.18 9.65
CA LEU A 493 2.42 -6.28 10.94
C LEU A 493 1.99 -7.50 11.73
N MET A 494 0.69 -7.83 11.70
CA MET A 494 0.21 -9.02 12.39
C MET A 494 0.77 -10.29 11.79
N ALA A 495 0.88 -10.35 10.45
CA ALA A 495 1.43 -11.54 9.80
C ALA A 495 2.89 -11.72 10.18
N ALA A 496 3.64 -10.61 10.30
CA ALA A 496 5.01 -10.69 10.76
C ALA A 496 5.08 -11.15 12.22
N ALA A 497 4.23 -10.56 13.08
CA ALA A 497 4.21 -10.91 14.49
C ALA A 497 3.88 -12.39 14.71
N GLU A 498 3.02 -12.96 13.86
CA GLU A 498 2.67 -14.37 14.01
C GLU A 498 3.87 -15.29 13.87
N VAL A 499 4.90 -14.84 13.17
CA VAL A 499 6.04 -15.69 12.86
C VAL A 499 7.28 -15.26 13.66
N GLY A 500 7.10 -14.35 14.62
CA GLY A 500 8.18 -13.89 15.49
C GLY A 500 8.93 -12.67 15.01
N LEU A 501 8.42 -11.95 14.01
CA LEU A 501 9.07 -10.80 13.43
C LEU A 501 8.42 -9.51 13.93
N PHE A 502 9.23 -8.63 14.49
CA PHE A 502 8.71 -7.44 15.16
C PHE A 502 9.45 -6.19 14.70
N SER A 503 8.68 -5.24 14.20
CA SER A 503 9.23 -3.98 13.71
C SER A 503 9.75 -3.15 14.88
N ARG A 504 11.07 -3.05 15.00
CA ARG A 504 11.70 -2.36 16.11
C ARG A 504 11.19 -0.93 16.26
N LYS A 505 10.67 -0.62 17.46
CA LYS A 505 10.16 0.71 17.72
C LYS A 505 11.21 1.78 17.48
N GLU A 506 12.49 1.46 17.62
CA GLU A 506 13.53 2.46 17.41
C GLU A 506 13.60 2.89 15.95
N ALA A 507 13.11 2.07 15.02
CA ALA A 507 13.24 2.37 13.60
C ALA A 507 11.92 2.67 12.89
N PHE A 508 10.79 2.26 13.46
CA PHE A 508 9.53 2.22 12.74
C PHE A 508 9.06 3.61 12.27
N ARG A 509 8.54 3.65 11.04
CA ARG A 509 7.90 4.83 10.48
C ARG A 509 6.76 4.41 9.56
N LYS A 510 5.75 5.26 9.50
CA LYS A 510 4.57 5.06 8.67
C LYS A 510 4.34 6.34 7.87
N TYR A 511 3.85 6.17 6.64
CA TYR A 511 3.41 7.31 5.85
C TYR A 511 2.02 7.04 5.30
N PRO A 512 1.17 8.07 5.19
CA PRO A 512 1.45 9.46 5.55
C PRO A 512 1.55 9.72 7.05
N LYS A 513 2.38 10.69 7.44
CA LYS A 513 2.66 10.89 8.86
C LYS A 513 1.45 11.40 9.61
N THR A 514 0.65 12.24 8.96
CA THR A 514 -0.38 13.02 9.64
C THR A 514 -1.79 12.67 9.19
N LEU A 515 -2.02 11.45 8.72
CA LEU A 515 -3.38 11.07 8.41
C LEU A 515 -3.66 9.69 8.98
N PRO A 516 -4.89 9.45 9.52
CA PRO A 516 -5.20 8.14 10.08
C PRO A 516 -5.31 7.08 8.99
N LEU A 517 -4.22 6.86 8.27
CA LEU A 517 -4.12 5.83 7.24
C LEU A 517 -2.64 5.62 6.95
N THR A 518 -2.29 4.41 6.52
CA THR A 518 -0.89 4.03 6.33
C THR A 518 -0.71 3.39 4.96
N ARG A 519 0.00 4.08 4.07
CA ARG A 519 0.29 3.53 2.76
C ARG A 519 1.68 2.93 2.67
N ILE A 520 2.60 3.32 3.55
CA ILE A 520 3.98 2.85 3.54
C ILE A 520 4.44 2.64 4.96
N THR A 521 4.98 1.45 5.25
CA THR A 521 5.75 1.23 6.48
C THR A 521 7.24 1.13 6.16
N VAL A 522 8.05 1.71 7.03
CA VAL A 522 9.49 1.54 7.03
C VAL A 522 9.84 0.70 8.25
N ASN A 523 10.38 -0.50 8.04
CA ASN A 523 10.54 -1.45 9.14
C ASN A 523 11.97 -1.95 9.27
N HIS A 524 12.41 -2.11 10.50
CA HIS A 524 13.57 -2.91 10.84
C HIS A 524 13.05 -4.07 11.69
N PHE A 525 12.77 -5.19 11.05
CA PHE A 525 12.26 -6.36 11.75
C PHE A 525 13.38 -7.09 12.49
N GLU A 526 13.09 -7.53 13.71
CA GLU A 526 13.94 -8.43 14.46
C GLU A 526 13.17 -9.72 14.78
N LYS A 527 13.93 -10.79 14.96
CA LYS A 527 13.38 -12.10 15.28
C LYS A 527 13.33 -12.23 16.80
N ARG A 528 12.15 -12.50 17.36
CA ARG A 528 11.99 -12.64 18.80
C ARG A 528 11.52 -14.04 19.17
N LYS A 529 11.76 -14.42 20.43
CA LYS A 529 11.49 -15.78 20.90
C LYS A 529 9.99 -16.08 21.05
N TYR A 530 9.11 -15.09 20.88
CA TYR A 530 7.69 -15.26 21.05
C TYR A 530 6.93 -14.81 19.80
N GLN A 531 5.63 -15.07 19.80
CA GLN A 531 4.76 -14.63 18.73
C GLN A 531 3.56 -13.90 19.32
N ILE A 532 3.02 -12.98 18.54
CA ILE A 532 1.74 -12.33 18.84
C ILE A 532 0.78 -12.69 17.71
N ARG A 533 -0.40 -13.18 18.07
CA ARG A 533 -1.43 -13.54 17.10
C ARG A 533 -2.80 -13.05 17.58
N TYR A 534 -3.80 -13.15 16.70
CA TYR A 534 -5.17 -12.86 17.12
C TYR A 534 -5.68 -13.96 18.05
N ALA A 535 -6.36 -13.56 19.12
CA ALA A 535 -7.02 -14.51 20.01
C ALA A 535 -8.23 -15.13 19.32
N THR A 536 -8.57 -16.35 19.75
CA THR A 536 -9.64 -17.10 19.14
C THR A 536 -10.48 -17.74 20.24
N VAL A 537 -11.60 -18.35 19.83
CA VAL A 537 -12.47 -19.01 20.78
C VAL A 537 -11.72 -20.07 21.55
N ASN A 538 -10.76 -20.73 20.90
CA ASN A 538 -9.97 -21.79 21.55
C ASN A 538 -9.06 -21.26 22.64
N ASP A 539 -8.79 -19.96 22.67
CA ASP A 539 -7.93 -19.42 23.71
C ASP A 539 -8.70 -19.13 24.99
N ILE A 540 -10.02 -19.28 24.98
CA ILE A 540 -10.83 -18.90 26.14
C ILE A 540 -10.44 -19.69 27.39
N PRO A 541 -10.24 -21.01 27.35
CA PRO A 541 -9.88 -21.70 28.61
C PRO A 541 -8.64 -21.11 29.27
N ASN A 542 -7.60 -20.76 28.49
CA ASN A 542 -6.44 -20.13 29.10
C ASN A 542 -6.68 -18.65 29.41
N LEU A 543 -7.57 -17.97 28.67
CA LEU A 543 -7.91 -16.61 29.06
C LEU A 543 -8.57 -16.58 30.43
N LEU A 544 -9.40 -17.59 30.72
CA LEU A 544 -10.08 -17.68 32.00
C LEU A 544 -9.11 -17.91 33.16
N LYS A 545 -7.94 -18.47 32.90
CA LYS A 545 -6.95 -18.70 33.95
C LYS A 545 -6.04 -17.50 34.20
N CYS A 546 -6.21 -16.41 33.46
CA CYS A 546 -5.30 -15.28 33.57
C CYS A 546 -5.70 -14.38 34.72
N ALA A 547 -4.69 -13.77 35.33
CA ALA A 547 -4.93 -12.59 36.14
C ALA A 547 -5.36 -11.44 35.23
N THR A 548 -6.16 -10.52 35.77
CA THR A 548 -6.77 -9.47 34.96
C THR A 548 -6.98 -8.22 35.81
N PHE A 549 -6.92 -7.05 35.16
CA PHE A 549 -6.92 -5.77 35.86
C PHE A 549 -8.32 -5.25 36.14
N ASN A 550 -9.30 -5.69 35.38
CA ASN A 550 -10.71 -5.39 35.59
C ASN A 550 -11.42 -6.65 36.09
N PRO A 551 -12.65 -6.53 36.58
CA PRO A 551 -13.36 -7.72 37.05
C PRO A 551 -13.31 -8.82 36.01
N PRO A 552 -13.00 -10.05 36.44
CA PRO A 552 -12.87 -11.15 35.48
C PRO A 552 -14.12 -11.31 34.61
N VAL A 553 -13.89 -11.88 33.44
CA VAL A 553 -14.87 -12.01 32.38
C VAL A 553 -15.12 -13.49 32.15
N ASN A 554 -16.36 -13.87 31.91
CA ASN A 554 -16.68 -15.29 31.81
C ASN A 554 -16.66 -15.78 30.36
N GLU A 555 -16.77 -17.11 30.22
CA GLU A 555 -16.82 -17.81 28.93
C GLU A 555 -17.76 -17.11 27.95
N PRO A 556 -19.05 -16.87 28.29
CA PRO A 556 -19.96 -16.29 27.28
C PRO A 556 -19.54 -14.91 26.81
N PHE A 557 -19.03 -14.06 27.70
CA PHE A 557 -18.59 -12.75 27.25
C PHE A 557 -17.41 -12.87 26.30
N PHE A 558 -16.47 -13.78 26.58
CA PHE A 558 -15.41 -14.04 25.62
C PHE A 558 -15.96 -14.53 24.29
N GLN A 559 -16.98 -15.41 24.35
CA GLN A 559 -17.60 -15.90 23.12
C GLN A 559 -18.06 -14.73 22.25
N VAL A 560 -18.84 -13.82 22.84
CA VAL A 560 -19.41 -12.69 22.10
C VAL A 560 -18.32 -11.77 21.58
N LEU A 561 -17.42 -11.34 22.49
CA LEU A 561 -16.36 -10.39 22.16
C LEU A 561 -15.56 -10.84 20.96
N LEU A 562 -15.29 -12.14 20.86
CA LEU A 562 -14.40 -12.67 19.83
C LEU A 562 -15.14 -12.92 18.53
N LYS A 563 -16.42 -13.31 18.59
CA LYS A 563 -17.15 -13.53 17.36
C LYS A 563 -17.54 -12.22 16.70
N GLN A 564 -17.69 -11.14 17.47
CA GLN A 564 -18.15 -9.88 16.90
C GLN A 564 -17.03 -9.02 16.34
N THR A 565 -15.80 -9.13 16.84
CA THR A 565 -14.65 -8.43 16.29
C THR A 565 -13.47 -9.39 16.32
N PRO A 566 -13.47 -10.36 15.40
CA PRO A 566 -12.48 -11.44 15.47
C PRO A 566 -11.03 -11.03 15.26
N THR A 567 -10.77 -9.81 14.79
CA THR A 567 -9.42 -9.29 14.65
C THR A 567 -9.22 -8.04 15.50
N ALA A 568 -9.82 -8.00 16.69
CA ALA A 568 -9.62 -6.89 17.61
C ALA A 568 -8.72 -7.23 18.80
N HIS A 569 -8.51 -8.52 19.09
CA HIS A 569 -7.94 -8.96 20.36
C HIS A 569 -6.70 -9.80 20.09
N LEU A 570 -5.60 -9.40 20.71
CA LEU A 570 -4.28 -9.96 20.41
C LEU A 570 -3.79 -10.72 21.64
N LEU A 571 -3.05 -11.80 21.42
CA LEU A 571 -2.38 -12.42 22.54
C LEU A 571 -0.92 -12.65 22.20
N LEU A 572 -0.10 -12.74 23.25
CA LEU A 572 1.31 -13.03 23.13
C LEU A 572 1.53 -14.46 23.55
N GLU A 573 2.16 -15.24 22.68
CA GLU A 573 2.25 -16.68 22.90
C GLU A 573 3.72 -17.06 22.91
N TYR A 574 4.12 -17.87 23.88
CA TYR A 574 5.51 -18.21 24.08
C TYR A 574 5.62 -19.70 24.34
N GLN A 575 6.18 -20.43 23.37
CA GLN A 575 6.33 -21.89 23.48
C GLN A 575 4.99 -22.56 23.76
N GLY A 576 3.91 -21.98 23.27
CA GLY A 576 2.58 -22.53 23.46
C GLY A 576 1.82 -21.91 24.61
N GLU A 577 2.52 -21.29 25.57
CA GLU A 577 1.87 -20.67 26.71
C GLU A 577 1.27 -19.32 26.32
N LEU A 578 -0.01 -19.15 26.64
CA LEU A 578 -0.58 -17.82 26.72
C LEU A 578 0.13 -17.04 27.81
N VAL A 579 0.81 -15.97 27.44
CA VAL A 579 1.44 -15.10 28.41
C VAL A 579 0.60 -13.87 28.71
N ALA A 580 0.01 -13.26 27.69
CA ALA A 580 -0.78 -12.06 27.88
C ALA A 580 -1.76 -11.92 26.73
N ALA A 581 -2.81 -11.15 26.98
CA ALA A 581 -3.75 -10.82 25.93
C ALA A 581 -4.28 -9.42 26.22
N ILE A 582 -4.61 -8.70 25.15
CA ILE A 582 -5.23 -7.38 25.26
C ILE A 582 -6.46 -7.38 24.36
N PHE A 583 -7.58 -6.93 24.90
CA PHE A 583 -8.84 -6.82 24.16
C PHE A 583 -9.13 -5.35 23.90
N THR A 584 -9.46 -5.04 22.65
CA THR A 584 -9.63 -3.67 22.21
C THR A 584 -11.04 -3.49 21.64
N GLU A 585 -11.44 -2.22 21.52
CA GLU A 585 -12.64 -1.84 20.78
C GLU A 585 -12.38 -0.56 20.02
N THR A 586 -13.03 -0.43 18.85
CA THR A 586 -12.89 0.73 17.95
C THR A 586 -14.15 1.56 18.04
N LYS A 587 -14.05 2.79 18.55
CA LYS A 587 -15.21 3.65 18.75
C LYS A 587 -15.04 5.05 18.15
N ASN A 588 -15.96 5.97 18.49
CA ASN A 588 -15.95 7.35 17.99
C ASN A 588 -15.96 7.41 16.47
N SER A 589 -16.98 6.76 15.89
CA SER A 589 -17.07 6.56 14.44
C SER A 589 -15.73 6.11 13.87
N ASN A 590 -15.15 5.11 14.55
CA ASN A 590 -14.02 4.32 14.05
C ASN A 590 -12.72 5.11 14.02
N GLU A 591 -12.60 6.13 14.87
CA GLU A 591 -11.40 6.93 14.93
C GLU A 591 -10.56 6.67 16.18
N VAL A 592 -11.15 6.21 17.27
CA VAL A 592 -10.45 5.98 18.53
C VAL A 592 -10.36 4.48 18.80
N LEU A 593 -9.14 4.00 19.05
CA LEU A 593 -8.91 2.63 19.47
C LEU A 593 -8.71 2.60 20.98
N GLY A 594 -9.52 1.81 21.67
CA GLY A 594 -9.49 1.74 23.13
C GLY A 594 -9.18 0.34 23.62
N ILE A 595 -8.44 0.26 24.72
CA ILE A 595 -8.14 -0.99 25.38
C ILE A 595 -9.21 -1.22 26.43
N ARG A 596 -9.77 -2.44 26.46
CA ARG A 596 -10.81 -2.74 27.45
C ARG A 596 -10.50 -3.92 28.37
N GLU A 597 -9.58 -4.80 28.02
CA GLU A 597 -9.11 -5.82 28.96
C GLU A 597 -7.60 -6.01 28.80
N PHE A 598 -6.93 -6.36 29.91
CA PHE A 598 -5.53 -6.74 29.91
C PHE A 598 -5.38 -8.00 30.77
N LEU A 599 -5.04 -9.11 30.13
CA LEU A 599 -4.86 -10.38 30.80
C LEU A 599 -3.37 -10.77 30.82
N VAL A 600 -2.90 -11.27 31.97
CA VAL A 600 -1.54 -11.77 32.13
C VAL A 600 -1.61 -13.12 32.84
N ARG A 601 -0.69 -14.02 32.50
CA ARG A 601 -0.55 -15.29 33.21
C ARG A 601 0.72 -15.16 34.05
N THR A 602 0.55 -14.73 35.33
CA THR A 602 1.67 -14.40 36.21
C THR A 602 2.51 -15.60 36.63
N SER A 603 2.06 -16.83 36.34
CA SER A 603 2.92 -18.00 36.49
C SER A 603 4.06 -18.01 35.49
N VAL A 604 3.92 -17.32 34.37
CA VAL A 604 4.91 -17.38 33.29
C VAL A 604 6.10 -16.50 33.65
N GLU A 605 7.30 -17.03 33.49
CA GLU A 605 8.53 -16.29 33.77
C GLU A 605 8.67 -15.09 32.83
N ASN A 606 9.07 -13.94 33.39
CA ASN A 606 9.30 -12.69 32.66
C ASN A 606 8.04 -12.09 32.08
N TRP A 607 6.87 -12.48 32.59
CA TRP A 607 5.63 -12.02 31.99
C TRP A 607 5.54 -10.51 31.97
N GLN A 608 6.20 -9.84 32.92
CA GLN A 608 6.13 -8.38 33.00
C GLN A 608 6.78 -7.73 31.78
N VAL A 609 7.97 -8.19 31.39
CA VAL A 609 8.57 -7.71 30.15
C VAL A 609 7.71 -8.13 28.96
N LEU A 610 7.25 -9.38 28.94
CA LEU A 610 6.45 -9.87 27.83
C LEU A 610 5.14 -9.08 27.70
N ALA A 611 4.48 -8.80 28.82
CA ALA A 611 3.24 -8.02 28.78
C ALA A 611 3.52 -6.61 28.27
N LYS A 612 4.62 -6.00 28.69
CA LYS A 612 4.98 -4.69 28.17
C LYS A 612 5.31 -4.75 26.67
N ASP A 613 5.87 -5.86 26.19
CA ASP A 613 6.10 -6.01 24.76
C ASP A 613 4.80 -6.05 23.99
N LEU A 614 3.85 -6.85 24.49
CA LEU A 614 2.54 -6.94 23.86
C LEU A 614 1.88 -5.57 23.78
N LEU A 615 2.02 -4.78 24.85
CA LEU A 615 1.46 -3.44 24.90
C LEU A 615 2.14 -2.53 23.89
N GLU A 616 3.47 -2.57 23.82
CA GLU A 616 4.18 -1.79 22.81
C GLU A 616 3.75 -2.19 21.41
N PHE A 617 3.51 -3.48 21.18
CA PHE A 617 3.04 -3.87 19.86
C PHE A 617 1.65 -3.31 19.59
N VAL A 618 0.75 -3.36 20.58
CA VAL A 618 -0.60 -2.86 20.38
C VAL A 618 -0.56 -1.39 19.99
N GLU A 619 0.43 -0.66 20.50
CA GLU A 619 0.56 0.74 20.12
C GLU A 619 0.94 0.87 18.65
N GLN A 620 1.90 0.06 18.20
CA GLN A 620 2.31 0.13 16.80
C GLN A 620 1.19 -0.34 15.88
N TRP A 621 0.54 -1.45 16.24
CA TRP A 621 -0.61 -1.97 15.51
C TRP A 621 -1.71 -0.92 15.40
N GLY A 622 -2.00 -0.21 16.49
CA GLY A 622 -3.00 0.84 16.44
C GLY A 622 -2.59 2.04 15.60
N VAL A 623 -1.30 2.33 15.53
CA VAL A 623 -0.86 3.48 14.75
C VAL A 623 -1.12 3.25 13.26
N VAL A 624 -1.07 2.00 12.80
CA VAL A 624 -1.27 1.64 11.40
C VAL A 624 -2.64 1.03 11.15
N LYS A 625 -3.54 1.05 12.11
CA LYS A 625 -4.86 0.49 11.87
C LYS A 625 -5.67 1.51 11.08
N PRO A 626 -6.23 1.15 9.92
CA PRO A 626 -6.93 2.13 9.07
C PRO A 626 -8.02 2.89 9.83
N GLY A 627 -7.96 4.23 9.76
CA GLY A 627 -8.93 5.08 10.39
C GLY A 627 -8.61 5.56 11.79
N ILE A 628 -7.80 4.83 12.55
CA ILE A 628 -7.57 5.13 13.96
C ILE A 628 -6.77 6.43 14.11
N LYS A 629 -7.39 7.44 14.73
CA LYS A 629 -6.71 8.70 14.98
C LYS A 629 -5.98 8.75 16.33
N GLU A 630 -6.52 8.15 17.39
CA GLU A 630 -5.82 8.16 18.66
C GLU A 630 -6.14 6.88 19.42
N ILE A 631 -5.33 6.61 20.45
CA ILE A 631 -5.42 5.40 21.26
C ILE A 631 -5.63 5.77 22.71
N GLU A 632 -6.49 5.01 23.40
CA GLU A 632 -6.83 5.23 24.81
C GLU A 632 -6.44 4.00 25.61
N GLY A 633 -5.75 4.21 26.74
CA GLY A 633 -5.42 3.15 27.68
C GLY A 633 -3.94 2.82 27.80
N LEU A 634 -3.06 3.40 26.98
CA LEU A 634 -1.66 2.98 26.97
C LEU A 634 -0.93 3.43 28.24
N LEU A 635 -1.15 4.66 28.70
CA LEU A 635 -0.59 5.05 30.00
C LEU A 635 -1.16 4.19 31.12
N LYS A 636 -2.47 3.95 31.11
CA LYS A 636 -3.13 3.28 32.24
C LYS A 636 -2.57 1.87 32.45
N TYR A 637 -2.48 1.07 31.38
CA TYR A 637 -2.09 -0.32 31.56
C TYR A 637 -0.58 -0.51 31.59
N HIS A 638 0.18 0.39 30.97
CA HIS A 638 1.62 0.36 31.17
C HIS A 638 1.96 0.61 32.63
N GLU A 639 1.31 1.60 33.25
CA GLU A 639 1.51 1.84 34.67
C GLU A 639 1.15 0.62 35.50
N ALA A 640 0.02 -0.02 35.19
CA ALA A 640 -0.45 -1.16 35.98
C ALA A 640 0.56 -2.30 36.02
N ILE A 641 1.28 -2.50 34.92
CA ILE A 641 2.26 -3.58 34.76
C ILE A 641 3.66 -3.13 35.15
N SER A 642 3.98 -1.87 34.85
CA SER A 642 5.22 -1.23 35.29
C SER A 642 5.36 -1.36 36.80
N ASN A 643 4.49 -0.68 37.56
CA ASN A 643 4.43 -0.84 39.01
C ASN A 643 3.34 -1.86 39.35
N PHE A 644 3.59 -3.10 38.95
CA PHE A 644 2.65 -4.16 39.26
C PHE A 644 2.62 -4.44 40.75
N GLN A 645 3.67 -4.04 41.47
CA GLN A 645 3.84 -4.13 42.93
C GLN A 645 2.58 -4.48 43.69
N LYS A 646 1.45 -3.88 43.30
CA LYS A 646 0.16 -4.13 43.92
C LYS A 646 -0.57 -5.20 43.12
N SER A 647 -0.73 -6.39 43.70
CA SER A 647 -1.77 -7.29 43.23
C SER A 647 -3.13 -6.74 43.67
N LYS A 648 -3.50 -5.62 43.04
CA LYS A 648 -4.88 -5.20 42.79
C LYS A 648 -5.29 -5.66 41.37
N TRP A 649 -4.97 -6.92 41.12
CA TRP A 649 -5.37 -7.65 39.94
C TRP A 649 -6.23 -8.82 40.40
N TYR A 650 -7.25 -9.15 39.63
CA TYR A 650 -8.11 -10.26 40.00
C TYR A 650 -7.47 -11.58 39.58
N GLN A 651 -7.75 -12.62 40.35
CA GLN A 651 -7.19 -13.96 40.15
C GLN A 651 -5.65 -13.91 40.23
N SER A 652 -5.20 -13.57 41.45
CA SER A 652 -3.78 -13.41 41.84
C SER A 652 -3.21 -12.11 41.29
#